data_3CNM
#
_entry.id   3CNM
#
_cell.length_a   65.090
_cell.length_b   65.090
_cell.length_c   161.550
_cell.angle_alpha   90.00
_cell.angle_beta   90.00
_cell.angle_gamma   120.00
#
_symmetry.space_group_name_H-M   'P 32 2 1'
#
loop_
_entity.id
_entity.type
_entity.pdbx_description
1 polymer 'Phenazine biosynthesis protein A/B'
2 non-polymer 'ACETATE ION'
3 non-polymer '(2S,3S)-TRANS-2,3-DIHYDRO-3-HYDROXYANTHRANILIC ACID'
4 water water
#
_entity_poly.entity_id   1
_entity_poly.type   'polypeptide(L)'
_entity_poly.pdbx_seq_one_letter_code
;MGSSHHHHHHSSGLVPRGSHMSDVESLENTSENRAQVAARQHNRKIVEQYMHTRGEARLKRHLLFTEDGVGGLWTTDSGQ
PIAIRGREKLGEHAVWSLQCFPDWVWTDIQIFETQDPNWFWVECRGEGAIVFPGYPRGQYRNHFLHSFRFENGLIKEQRE
FMNPCEQFRSLGIEVPEVRRDGLPS
;
_entity_poly.pdbx_strand_id   A,B
#
loop_
_chem_comp.id
_chem_comp.type
_chem_comp.name
_chem_comp.formula
ACT non-polymer 'ACETATE ION' 'C2 H3 O2 -1'
HHA non-polymer '(2S,3S)-TRANS-2,3-DIHYDRO-3-HYDROXYANTHRANILIC ACID' 'C7 H9 N O3'
#
# COMPACT_ATOMS: atom_id res chain seq x y z
N ASN A 29 -19.19 4.24 -27.63
CA ASN A 29 -18.80 3.13 -28.56
C ASN A 29 -17.84 3.63 -29.65
N THR A 30 -16.65 4.05 -29.20
CA THR A 30 -15.57 4.54 -30.06
C THR A 30 -14.41 3.52 -30.05
N SER A 31 -13.63 3.52 -31.13
CA SER A 31 -12.61 2.50 -31.32
C SER A 31 -11.41 2.67 -30.40
N GLU A 32 -11.28 3.85 -29.80
CA GLU A 32 -10.17 4.17 -28.87
C GLU A 32 -10.52 3.53 -27.52
N ASN A 33 -11.67 3.94 -27.00
CA ASN A 33 -12.21 3.37 -25.77
C ASN A 33 -12.40 1.84 -25.93
N ARG A 34 -12.80 1.38 -27.12
CA ARG A 34 -12.84 -0.09 -27.34
C ARG A 34 -11.44 -0.76 -27.15
N ALA A 35 -10.40 -0.10 -27.69
CA ALA A 35 -9.00 -0.47 -27.47
C ALA A 35 -8.67 -0.55 -25.98
N GLN A 36 -9.12 0.47 -25.25
CA GLN A 36 -8.84 0.57 -23.87
C GLN A 36 -9.51 -0.53 -23.10
N VAL A 37 -10.77 -0.84 -23.38
CA VAL A 37 -11.47 -1.80 -22.58
C VAL A 37 -10.75 -3.10 -22.83
N ALA A 38 -10.35 -3.30 -24.07
CA ALA A 38 -9.69 -4.57 -24.40
C ALA A 38 -8.36 -4.72 -23.67
N ALA A 39 -7.58 -3.64 -23.63
CA ALA A 39 -6.29 -3.67 -22.98
C ALA A 39 -6.50 -3.94 -21.49
N ARG A 40 -7.45 -3.23 -20.89
CA ARG A 40 -7.70 -3.42 -19.45
C ARG A 40 -8.16 -4.82 -19.14
N GLN A 41 -9.01 -5.42 -20.02
CA GLN A 41 -9.43 -6.79 -19.81
C GLN A 41 -8.26 -7.74 -19.90
N HIS A 42 -7.38 -7.52 -20.90
CA HIS A 42 -6.27 -8.47 -21.06
C HIS A 42 -5.35 -8.38 -19.88
N ASN A 43 -5.04 -7.16 -19.48
CA ASN A 43 -4.17 -6.90 -18.36
C ASN A 43 -4.69 -7.48 -17.04
N ARG A 44 -6.01 -7.36 -16.84
CA ARG A 44 -6.62 -7.93 -15.65
C ARG A 44 -6.44 -9.39 -15.56
N LYS A 45 -6.52 -10.05 -16.76
CA LYS A 45 -6.26 -11.50 -16.79
C LYS A 45 -4.83 -11.84 -16.37
N ILE A 46 -3.86 -11.00 -16.75
CA ILE A 46 -2.45 -11.28 -16.40
C ILE A 46 -2.27 -11.05 -14.85
N VAL A 47 -2.93 -10.04 -14.27
CA VAL A 47 -2.88 -9.78 -12.84
C VAL A 47 -3.49 -10.97 -12.03
N GLU A 48 -4.60 -11.49 -12.51
CA GLU A 48 -5.20 -12.72 -11.94
C GLU A 48 -4.20 -13.91 -12.00
N GLN A 49 -3.60 -14.10 -13.15
CA GLN A 49 -2.65 -15.22 -13.32
CA GLN A 49 -2.66 -15.21 -13.33
C GLN A 49 -1.52 -15.07 -12.34
N TYR A 50 -0.97 -13.85 -12.25
CA TYR A 50 0.11 -13.58 -11.32
C TYR A 50 -0.27 -13.95 -9.87
N MET A 51 -1.43 -13.43 -9.42
CA MET A 51 -1.85 -13.62 -8.06
C MET A 51 -2.23 -15.07 -7.74
N HIS A 52 -2.55 -15.85 -8.74
CA HIS A 52 -2.91 -17.25 -8.53
C HIS A 52 -1.78 -18.22 -8.78
N THR A 53 -0.62 -17.71 -9.12
CA THR A 53 0.55 -18.55 -9.34
C THR A 53 1.06 -19.11 -8.03
N ARG A 54 1.17 -20.42 -7.93
CA ARG A 54 1.63 -21.13 -6.67
C ARG A 54 2.52 -22.29 -7.08
N GLY A 55 3.30 -22.78 -6.11
CA GLY A 55 4.09 -23.98 -6.27
C GLY A 55 5.08 -23.89 -7.35
N GLU A 56 5.34 -24.99 -8.07
CA GLU A 56 6.44 -24.94 -9.05
C GLU A 56 6.16 -23.94 -10.21
N ALA A 57 4.89 -23.63 -10.42
CA ALA A 57 4.52 -22.61 -11.40
C ALA A 57 5.18 -21.25 -11.10
N ARG A 58 5.57 -21.05 -9.85
CA ARG A 58 6.29 -19.88 -9.52
C ARG A 58 7.58 -19.64 -10.30
N LEU A 59 8.19 -20.73 -10.73
CA LEU A 59 9.42 -20.67 -11.50
C LEU A 59 9.28 -20.04 -12.89
N LYS A 60 8.05 -19.93 -13.38
CA LYS A 60 7.79 -19.36 -14.69
C LYS A 60 6.92 -18.09 -14.62
N ARG A 61 6.72 -17.52 -13.43
CA ARG A 61 5.95 -16.27 -13.24
C ARG A 61 6.60 -15.05 -13.99
N HIS A 62 7.93 -15.13 -14.18
CA HIS A 62 8.67 -14.05 -14.84
C HIS A 62 8.29 -13.95 -16.30
N LEU A 63 7.74 -15.00 -16.87
CA LEU A 63 7.29 -14.89 -18.25
C LEU A 63 6.11 -13.88 -18.41
N LEU A 64 5.48 -13.46 -17.31
CA LEU A 64 4.43 -12.44 -17.42
C LEU A 64 4.96 -10.98 -17.58
N PHE A 65 6.29 -10.80 -17.52
CA PHE A 65 6.97 -9.51 -17.57
C PHE A 65 7.51 -9.25 -18.97
N THR A 66 7.63 -7.94 -19.22
CA THR A 66 8.40 -7.46 -20.41
C THR A 66 9.86 -7.90 -20.20
N GLU A 67 10.62 -7.97 -21.32
CA GLU A 67 11.98 -8.42 -21.17
C GLU A 67 12.81 -7.61 -20.19
N ASP A 68 12.54 -6.31 -20.14
CA ASP A 68 13.20 -5.38 -19.27
C ASP A 68 12.40 -5.04 -18.00
N GLY A 69 11.37 -5.84 -17.73
CA GLY A 69 10.47 -5.51 -16.59
C GLY A 69 11.12 -5.63 -15.25
N VAL A 70 10.49 -4.92 -14.26
CA VAL A 70 11.08 -4.78 -12.92
C VAL A 70 10.06 -5.32 -11.94
N GLY A 71 10.51 -6.08 -10.98
CA GLY A 71 9.69 -6.52 -9.83
C GLY A 71 10.44 -6.35 -8.53
N GLY A 72 9.72 -6.39 -7.42
CA GLY A 72 10.45 -6.49 -6.15
C GLY A 72 9.65 -5.85 -4.99
N LEU A 73 10.37 -5.69 -3.88
CA LEU A 73 9.85 -5.29 -2.57
C LEU A 73 10.17 -3.84 -2.33
N TRP A 74 9.12 -3.01 -2.16
CA TRP A 74 9.29 -1.61 -1.99
C TRP A 74 9.26 -1.15 -0.46
N THR A 75 9.00 -2.03 0.45
CA THR A 75 8.96 -1.79 1.87
C THR A 75 9.98 -2.74 2.56
N THR A 76 11.20 -2.18 2.71
CA THR A 76 12.32 -3.00 3.28
C THR A 76 12.85 -2.33 4.55
N ASP A 77 13.64 -3.09 5.30
CA ASP A 77 14.24 -2.53 6.51
C ASP A 77 15.24 -1.43 6.20
N SER A 78 15.90 -1.49 5.05
CA SER A 78 16.91 -0.48 4.62
C SER A 78 16.29 0.80 4.24
N GLY A 79 15.02 0.75 3.89
CA GLY A 79 14.33 1.89 3.37
C GLY A 79 14.53 2.07 1.85
N GLN A 80 15.38 1.28 1.24
CA GLN A 80 15.43 1.23 -0.20
C GLN A 80 14.79 -0.07 -0.76
N PRO A 81 14.16 0.02 -1.94
CA PRO A 81 13.61 -1.18 -2.55
C PRO A 81 14.58 -2.37 -2.89
N ILE A 82 14.14 -3.57 -2.88
CA ILE A 82 14.94 -4.62 -3.43
C ILE A 82 14.28 -4.84 -4.78
N ALA A 83 14.81 -4.24 -5.84
CA ALA A 83 14.16 -4.25 -7.18
C ALA A 83 14.95 -5.26 -8.00
N ILE A 84 14.28 -6.10 -8.76
CA ILE A 84 14.89 -7.14 -9.54
C ILE A 84 14.64 -6.68 -11.01
N ARG A 85 15.68 -6.51 -11.85
CA ARG A 85 15.49 -5.90 -13.13
CA ARG A 85 15.51 -5.85 -13.14
C ARG A 85 15.78 -6.83 -14.26
N GLY A 86 14.77 -7.13 -15.05
CA GLY A 86 14.87 -8.01 -16.17
C GLY A 86 14.25 -9.34 -15.99
N ARG A 87 13.62 -9.83 -17.05
CA ARG A 87 12.97 -11.11 -17.04
C ARG A 87 13.88 -12.30 -16.57
N GLU A 88 15.14 -12.36 -17.02
CA GLU A 88 16.06 -13.39 -16.60
C GLU A 88 16.39 -13.35 -15.10
N LYS A 89 16.71 -12.19 -14.60
CA LYS A 89 16.93 -12.06 -13.15
C LYS A 89 15.71 -12.37 -12.37
N LEU A 90 14.53 -11.96 -12.86
CA LEU A 90 13.31 -12.34 -12.11
C LEU A 90 13.20 -13.85 -11.97
N GLY A 91 13.48 -14.57 -13.07
CA GLY A 91 13.36 -16.02 -13.03
C GLY A 91 14.37 -16.59 -12.08
N GLU A 92 15.53 -15.97 -12.04
CA GLU A 92 16.55 -16.39 -10.98
C GLU A 92 16.08 -16.19 -9.57
N HIS A 93 15.46 -15.03 -9.27
CA HIS A 93 14.98 -14.66 -7.97
C HIS A 93 13.97 -15.71 -7.57
N ALA A 94 13.18 -16.24 -8.52
CA ALA A 94 12.16 -17.19 -8.19
C ALA A 94 12.65 -18.55 -7.63
N VAL A 95 13.81 -18.96 -8.08
CA VAL A 95 14.50 -20.14 -7.51
C VAL A 95 14.70 -19.95 -5.95
N TRP A 96 15.25 -18.81 -5.65
CA TRP A 96 15.49 -18.40 -4.26
C TRP A 96 14.22 -18.33 -3.48
N SER A 97 13.21 -17.67 -4.04
CA SER A 97 12.00 -17.50 -3.32
C SER A 97 11.31 -18.75 -3.05
N LEU A 98 11.33 -19.70 -3.98
CA LEU A 98 10.75 -21.00 -3.76
C LEU A 98 11.42 -21.79 -2.62
N GLN A 99 12.71 -21.58 -2.47
CA GLN A 99 13.44 -22.21 -1.36
CA GLN A 99 13.38 -22.29 -1.33
C GLN A 99 13.02 -21.58 -0.02
N CYS A 100 12.98 -20.24 0.00
CA CYS A 100 12.85 -19.50 1.26
C CYS A 100 11.32 -19.45 1.73
N PHE A 101 10.40 -19.59 0.74
CA PHE A 101 8.94 -19.53 1.02
C PHE A 101 8.28 -20.69 0.30
N PRO A 102 8.52 -21.91 0.78
CA PRO A 102 8.20 -23.08 -0.04
C PRO A 102 6.71 -23.37 -0.38
N ASP A 103 5.83 -22.86 0.43
CA ASP A 103 4.38 -23.16 0.36
C ASP A 103 3.56 -21.88 0.31
N TRP A 104 4.15 -20.79 -0.11
CA TRP A 104 3.49 -19.44 -0.06
C TRP A 104 2.20 -19.42 -0.84
N VAL A 105 1.17 -18.86 -0.21
CA VAL A 105 -0.07 -18.59 -0.94
C VAL A 105 -0.60 -17.16 -0.68
N TRP A 106 -1.14 -16.55 -1.72
CA TRP A 106 -1.88 -15.28 -1.59
C TRP A 106 -3.31 -15.67 -1.38
N THR A 107 -3.97 -14.91 -0.55
CA THR A 107 -5.41 -15.14 -0.31
C THR A 107 -6.14 -13.81 -0.17
N ASP A 108 -7.47 -13.85 -0.15
N ASP A 108 -7.47 -13.88 -0.12
CA ASP A 108 -8.22 -12.62 0.09
CA ASP A 108 -8.31 -12.68 0.07
C ASP A 108 -7.93 -11.57 -0.98
C ASP A 108 -7.88 -11.60 -0.92
N ILE A 109 -7.81 -12.00 -2.20
CA ILE A 109 -7.28 -11.16 -3.25
C ILE A 109 -8.39 -10.21 -3.72
N GLN A 110 -8.14 -8.91 -3.72
CA GLN A 110 -9.02 -7.88 -4.29
CA GLN A 110 -9.04 -7.95 -4.38
C GLN A 110 -8.26 -7.14 -5.37
N ILE A 111 -8.77 -7.19 -6.60
CA ILE A 111 -8.16 -6.47 -7.72
C ILE A 111 -8.85 -5.21 -8.02
N PHE A 112 -8.05 -4.13 -8.01
CA PHE A 112 -8.52 -2.77 -8.37
C PHE A 112 -8.04 -2.33 -9.75
N GLU A 113 -8.99 -2.18 -10.66
CA GLU A 113 -8.74 -1.48 -11.94
C GLU A 113 -8.60 0.01 -11.61
N THR A 114 -7.98 0.78 -12.48
CA THR A 114 -7.89 2.25 -12.31
C THR A 114 -8.31 2.93 -13.62
N GLN A 115 -8.24 4.21 -13.60
CA GLN A 115 -8.52 4.99 -14.79
C GLN A 115 -7.46 4.76 -15.91
N ASP A 116 -6.28 4.28 -15.54
CA ASP A 116 -5.25 3.91 -16.48
C ASP A 116 -5.41 2.41 -16.81
N PRO A 117 -5.67 2.02 -18.08
CA PRO A 117 -5.88 0.61 -18.38
C PRO A 117 -4.65 -0.24 -18.15
N ASN A 118 -3.51 0.41 -18.05
CA ASN A 118 -2.20 -0.23 -17.85
C ASN A 118 -1.72 -0.13 -16.37
N TRP A 119 -2.59 0.25 -15.43
CA TRP A 119 -2.24 0.32 -14.01
C TRP A 119 -3.33 -0.31 -13.11
N PHE A 120 -2.91 -1.29 -12.33
CA PHE A 120 -3.76 -2.01 -11.38
C PHE A 120 -3.10 -2.00 -9.99
N TRP A 121 -3.95 -2.04 -8.95
CA TRP A 121 -3.54 -2.31 -7.60
C TRP A 121 -4.23 -3.59 -7.07
N VAL A 122 -3.56 -4.32 -6.20
CA VAL A 122 -4.17 -5.49 -5.58
C VAL A 122 -3.99 -5.37 -4.09
N GLU A 123 -5.04 -5.64 -3.31
CA GLU A 123 -4.86 -5.75 -1.84
C GLU A 123 -5.09 -7.25 -1.53
N CYS A 124 -4.23 -7.84 -0.73
CA CYS A 124 -4.38 -9.23 -0.40
C CYS A 124 -3.64 -9.54 0.94
N ARG A 125 -3.78 -10.80 1.34
CA ARG A 125 -2.95 -11.39 2.40
C ARG A 125 -1.97 -12.35 1.76
N GLY A 126 -0.93 -12.70 2.55
CA GLY A 126 -0.09 -13.82 2.15
C GLY A 126 0.44 -14.50 3.37
N GLU A 127 0.64 -15.80 3.19
CA GLU A 127 1.16 -16.64 4.32
C GLU A 127 1.88 -17.88 3.82
N GLY A 128 2.81 -18.24 4.73
CA GLY A 128 3.57 -19.51 4.47
C GLY A 128 4.71 -19.67 5.44
N ALA A 129 5.38 -20.81 5.31
CA ALA A 129 6.62 -20.97 6.09
C ALA A 129 7.69 -20.01 5.57
N ILE A 130 8.55 -19.58 6.48
CA ILE A 130 9.70 -18.75 6.10
C ILE A 130 10.97 -19.57 6.50
N VAL A 131 11.83 -19.75 5.54
CA VAL A 131 13.00 -20.69 5.74
C VAL A 131 14.23 -19.87 5.25
N PHE A 132 14.75 -19.01 6.07
CA PHE A 132 15.91 -18.18 5.67
C PHE A 132 17.18 -18.76 6.29
N PRO A 133 18.30 -18.67 5.60
CA PRO A 133 19.62 -19.09 6.24
C PRO A 133 19.87 -18.31 7.52
N GLY A 134 20.18 -19.08 8.60
CA GLY A 134 20.56 -18.48 9.85
C GLY A 134 19.45 -17.94 10.73
N TYR A 135 18.21 -18.22 10.39
CA TYR A 135 17.06 -17.87 11.31
C TYR A 135 16.22 -19.16 11.49
N PRO A 136 15.63 -19.33 12.69
CA PRO A 136 14.74 -20.46 12.82
C PRO A 136 13.60 -20.43 11.81
N ARG A 137 13.20 -21.61 11.33
CA ARG A 137 12.00 -21.72 10.48
C ARG A 137 10.85 -21.13 11.20
N GLY A 138 10.08 -20.33 10.48
CA GLY A 138 8.91 -19.61 11.04
C GLY A 138 7.67 -19.78 10.16
N GLN A 139 6.61 -19.20 10.73
CA GLN A 139 5.39 -19.05 9.93
C GLN A 139 5.12 -17.54 9.70
N TYR A 140 5.18 -17.11 8.47
CA TYR A 140 5.11 -15.73 8.10
C TYR A 140 3.70 -15.40 7.55
N ARG A 141 3.13 -14.33 8.02
CA ARG A 141 1.84 -13.85 7.43
CA ARG A 141 1.81 -13.84 7.53
C ARG A 141 1.98 -12.35 7.33
N ASN A 142 1.43 -11.74 6.31
CA ASN A 142 1.50 -10.28 6.18
C ASN A 142 0.25 -9.82 5.33
N HIS A 143 0.08 -8.53 5.33
CA HIS A 143 -0.92 -7.86 4.50
CA HIS A 143 -0.91 -7.79 4.55
C HIS A 143 -0.14 -7.11 3.42
N PHE A 144 -0.59 -7.23 2.16
CA PHE A 144 0.13 -6.72 0.99
C PHE A 144 -0.75 -5.77 0.17
N LEU A 145 -0.06 -4.80 -0.45
CA LEU A 145 -0.59 -4.06 -1.56
C LEU A 145 0.37 -4.24 -2.68
N HIS A 146 -0.10 -4.61 -3.86
CA HIS A 146 0.76 -4.75 -5.03
C HIS A 146 0.35 -3.74 -6.10
N SER A 147 1.33 -3.16 -6.77
CA SER A 147 1.13 -2.26 -7.91
C SER A 147 1.63 -2.95 -9.18
N PHE A 148 0.80 -2.96 -10.20
CA PHE A 148 1.13 -3.59 -11.49
C PHE A 148 0.91 -2.53 -12.60
N ARG A 149 2.01 -2.22 -13.29
CA ARG A 149 2.00 -1.34 -14.49
C ARG A 149 2.41 -2.16 -15.70
N PHE A 150 1.67 -2.00 -16.78
CA PHE A 150 1.81 -2.78 -18.01
C PHE A 150 2.35 -1.98 -19.21
N GLU A 151 2.95 -2.73 -20.11
CA GLU A 151 3.37 -2.23 -21.45
C GLU A 151 3.23 -3.41 -22.39
N ASN A 152 2.52 -3.15 -23.46
CA ASN A 152 2.38 -4.13 -24.51
C ASN A 152 1.88 -5.47 -24.00
N GLY A 153 0.99 -5.39 -23.02
CA GLY A 153 0.23 -6.53 -22.53
C GLY A 153 1.00 -7.40 -21.54
N LEU A 154 2.19 -6.97 -21.19
CA LEU A 154 2.97 -7.65 -20.18
C LEU A 154 3.32 -6.69 -19.01
N ILE A 155 3.72 -7.23 -17.88
CA ILE A 155 4.06 -6.36 -16.68
C ILE A 155 5.43 -5.67 -16.89
N LYS A 156 5.45 -4.36 -16.86
CA LYS A 156 6.61 -3.56 -16.90
C LYS A 156 7.21 -3.25 -15.56
N GLU A 157 6.33 -3.13 -14.51
CA GLU A 157 6.73 -2.83 -13.18
C GLU A 157 5.73 -3.43 -12.17
N GLN A 158 6.24 -4.29 -11.34
CA GLN A 158 5.48 -4.83 -10.18
C GLN A 158 6.21 -4.34 -8.91
N ARG A 159 5.48 -3.81 -7.94
CA ARG A 159 6.00 -3.36 -6.65
C ARG A 159 5.13 -3.94 -5.53
N GLU A 160 5.70 -4.54 -4.48
CA GLU A 160 4.98 -5.03 -3.34
C GLU A 160 5.25 -4.19 -2.11
N PHE A 161 4.22 -3.87 -1.37
CA PHE A 161 4.27 -3.07 -0.12
C PHE A 161 3.67 -3.90 0.99
N MET A 162 4.41 -4.02 2.09
CA MET A 162 3.97 -4.80 3.21
C MET A 162 4.47 -4.16 4.52
N ASN A 163 4.20 -4.77 5.66
CA ASN A 163 4.74 -4.27 6.93
C ASN A 163 5.98 -5.10 7.35
N PRO A 164 7.16 -4.56 7.18
CA PRO A 164 8.40 -5.37 7.49
C PRO A 164 8.40 -5.91 8.88
N CYS A 165 7.68 -5.32 9.85
CA CYS A 165 7.68 -5.80 11.22
C CYS A 165 7.15 -7.19 11.32
N GLU A 166 6.14 -7.56 10.49
CA GLU A 166 5.56 -8.89 10.56
C GLU A 166 6.64 -9.92 10.07
N GLN A 167 7.49 -9.54 9.14
CA GLN A 167 8.58 -10.45 8.68
C GLN A 167 9.58 -10.58 9.79
N PHE A 168 9.95 -9.50 10.43
CA PHE A 168 10.85 -9.62 11.62
C PHE A 168 10.29 -10.60 12.66
N ARG A 169 9.02 -10.47 13.04
CA ARG A 169 8.40 -11.39 13.99
C ARG A 169 8.52 -12.82 13.58
N SER A 170 8.32 -13.08 12.28
CA SER A 170 8.31 -14.45 11.72
C SER A 170 9.66 -15.07 11.91
N LEU A 171 10.67 -14.26 11.89
CA LEU A 171 12.08 -14.75 12.01
C LEU A 171 12.65 -14.66 13.41
N GLY A 172 11.87 -14.31 14.40
CA GLY A 172 12.30 -14.21 15.79
C GLY A 172 13.08 -12.98 16.10
N ILE A 173 13.04 -12.00 15.21
CA ILE A 173 13.81 -10.76 15.33
C ILE A 173 12.97 -9.82 16.22
N GLU A 174 13.60 -9.26 17.29
CA GLU A 174 12.89 -8.31 18.18
C GLU A 174 12.43 -7.04 17.47
N VAL A 175 11.17 -6.65 17.66
CA VAL A 175 10.64 -5.45 17.02
C VAL A 175 10.44 -4.37 18.10
N PRO A 176 11.05 -3.20 17.93
CA PRO A 176 10.86 -2.14 18.95
C PRO A 176 9.42 -1.65 18.96
N GLU A 177 8.98 -1.08 20.07
CA GLU A 177 7.66 -0.57 20.25
C GLU A 177 7.72 0.98 20.32
N VAL A 178 7.05 1.65 19.39
CA VAL A 178 6.96 3.14 19.36
C VAL A 178 5.92 3.51 20.43
N ARG A 179 6.35 4.37 21.35
CA ARG A 179 5.47 4.95 22.36
C ARG A 179 4.82 6.21 21.81
N ARG A 180 3.49 6.27 21.87
CA ARG A 180 2.75 7.47 21.43
C ARG A 180 2.02 8.11 22.64
N ASP A 181 2.75 8.87 23.46
CA ASP A 181 2.17 9.45 24.69
C ASP A 181 1.02 10.35 24.27
N GLY A 182 -0.08 10.28 25.00
CA GLY A 182 -1.17 11.23 24.75
C GLY A 182 -2.11 10.82 23.66
N LEU A 183 -1.84 9.70 22.96
CA LEU A 183 -2.68 9.29 21.85
C LEU A 183 -4.08 9.11 22.39
N PRO A 184 -5.07 9.82 21.84
CA PRO A 184 -6.41 9.56 22.34
C PRO A 184 -6.94 8.14 22.03
N SER A 185 -7.97 7.79 22.82
CA SER A 185 -8.71 6.56 22.67
C SER A 185 -10.23 6.80 22.54
N GLU B 28 -21.94 3.32 -22.84
CA GLU B 28 -23.36 3.72 -23.06
C GLU B 28 -23.88 4.78 -22.06
N ASN B 29 -24.57 5.77 -22.60
CA ASN B 29 -25.08 6.92 -21.84
C ASN B 29 -26.51 6.67 -21.30
N THR B 30 -26.55 6.18 -20.06
CA THR B 30 -27.77 5.88 -19.30
C THR B 30 -27.76 6.67 -17.99
N SER B 31 -28.94 6.99 -17.46
CA SER B 31 -29.03 7.67 -16.16
C SER B 31 -28.23 6.94 -15.05
N GLU B 32 -28.12 5.61 -15.10
CA GLU B 32 -27.40 4.88 -14.08
C GLU B 32 -25.88 5.04 -14.23
N ASN B 33 -25.41 5.07 -15.49
CA ASN B 33 -23.97 5.30 -15.73
C ASN B 33 -23.64 6.77 -15.34
N ARG B 34 -24.55 7.67 -15.61
CA ARG B 34 -24.38 9.07 -15.23
C ARG B 34 -24.31 9.26 -13.74
N ALA B 35 -25.13 8.51 -13.01
CA ALA B 35 -25.13 8.60 -11.53
C ALA B 35 -23.74 8.17 -11.04
N GLN B 36 -23.20 7.15 -11.68
CA GLN B 36 -21.90 6.57 -11.23
C GLN B 36 -20.78 7.53 -11.48
N VAL B 37 -20.76 8.09 -12.68
CA VAL B 37 -19.76 9.10 -13.00
C VAL B 37 -19.86 10.28 -11.98
N ALA B 38 -21.06 10.73 -11.73
CA ALA B 38 -21.22 11.91 -10.84
C ALA B 38 -20.67 11.59 -9.42
N ALA B 39 -21.02 10.41 -8.91
CA ALA B 39 -20.56 9.93 -7.58
C ALA B 39 -19.06 9.92 -7.55
N ARG B 40 -18.45 9.31 -8.59
CA ARG B 40 -16.96 9.22 -8.69
C ARG B 40 -16.36 10.62 -8.68
N GLN B 41 -16.94 11.56 -9.45
CA GLN B 41 -16.43 12.93 -9.54
CA GLN B 41 -16.45 12.94 -9.53
C GLN B 41 -16.54 13.65 -8.20
N HIS B 42 -17.64 13.48 -7.50
CA HIS B 42 -17.82 14.08 -6.20
C HIS B 42 -16.79 13.53 -5.20
N ASN B 43 -16.71 12.22 -5.18
CA ASN B 43 -15.81 11.56 -4.19
C ASN B 43 -14.36 11.93 -4.47
N ARG B 44 -13.98 11.98 -5.74
CA ARG B 44 -12.60 12.42 -6.10
C ARG B 44 -12.27 13.77 -5.51
N LYS B 45 -13.20 14.72 -5.63
N LYS B 45 -13.22 14.71 -5.63
CA LYS B 45 -12.98 16.05 -5.04
CA LYS B 45 -13.07 16.05 -5.05
C LYS B 45 -12.75 15.99 -3.51
C LYS B 45 -12.72 15.95 -3.56
N ILE B 46 -13.41 15.05 -2.85
CA ILE B 46 -13.27 14.93 -1.40
C ILE B 46 -11.84 14.34 -1.11
N VAL B 47 -11.47 13.32 -1.88
CA VAL B 47 -10.07 12.74 -1.75
C VAL B 47 -9.03 13.86 -1.93
N GLU B 48 -9.16 14.68 -2.99
CA GLU B 48 -8.26 15.80 -3.21
CA GLU B 48 -8.27 15.82 -3.21
C GLU B 48 -8.26 16.77 -2.03
N GLN B 49 -9.42 17.10 -1.51
CA GLN B 49 -9.45 17.98 -0.35
CA GLN B 49 -9.50 17.99 -0.33
C GLN B 49 -8.75 17.40 0.86
N TYR B 50 -8.96 16.14 1.10
CA TYR B 50 -8.28 15.45 2.20
C TYR B 50 -6.77 15.54 2.11
N MET B 51 -6.27 15.21 0.93
CA MET B 51 -4.81 15.17 0.71
C MET B 51 -4.15 16.56 0.72
N HIS B 52 -4.95 17.64 0.46
CA HIS B 52 -4.45 18.97 0.60
C HIS B 52 -4.71 19.69 1.89
N THR B 53 -5.30 19.00 2.87
CA THR B 53 -5.62 19.65 4.12
C THR B 53 -4.34 19.72 4.95
N ARG B 54 -3.94 20.91 5.29
CA ARG B 54 -2.73 21.25 6.04
C ARG B 54 -3.01 22.24 7.14
N GLY B 55 -2.10 22.30 8.13
CA GLY B 55 -2.11 23.31 9.15
C GLY B 55 -3.36 23.24 9.97
N GLU B 56 -3.91 24.39 10.35
CA GLU B 56 -5.02 24.38 11.32
C GLU B 56 -6.22 23.76 10.68
N ALA B 57 -6.29 23.74 9.36
CA ALA B 57 -7.40 23.01 8.71
C ALA B 57 -7.51 21.52 9.09
N ARG B 58 -6.40 20.90 9.49
CA ARG B 58 -6.42 19.52 9.88
C ARG B 58 -7.39 19.29 11.01
N LEU B 59 -7.63 20.31 11.83
CA LEU B 59 -8.55 20.18 12.96
C LEU B 59 -10.02 19.91 12.54
N LYS B 60 -10.36 20.20 11.28
CA LYS B 60 -11.68 19.99 10.65
C LYS B 60 -11.77 18.90 9.55
N ARG B 61 -10.69 18.14 9.36
CA ARG B 61 -10.68 17.05 8.38
C ARG B 61 -11.73 16.04 8.63
N HIS B 62 -12.06 15.86 9.93
CA HIS B 62 -13.08 14.85 10.32
C HIS B 62 -14.40 15.06 9.74
N LEU B 63 -14.64 16.30 9.36
CA LEU B 63 -15.98 16.70 8.77
C LEU B 63 -16.23 16.01 7.38
N LEU B 64 -15.15 15.47 6.78
CA LEU B 64 -15.27 14.77 5.51
C LEU B 64 -15.79 13.37 5.66
N PHE B 65 -15.93 12.92 6.89
CA PHE B 65 -16.32 11.56 7.21
C PHE B 65 -17.83 11.48 7.59
N THR B 66 -18.36 10.29 7.33
CA THR B 66 -19.65 9.88 7.91
C THR B 66 -19.57 9.97 9.44
N GLU B 67 -20.70 10.08 10.10
CA GLU B 67 -20.68 10.16 11.58
C GLU B 67 -19.98 8.96 12.23
N ASP B 68 -20.14 7.77 11.65
CA ASP B 68 -19.54 6.54 12.10
C ASP B 68 -18.25 6.13 11.30
N GLY B 69 -17.68 7.12 10.62
CA GLY B 69 -16.52 6.87 9.77
C GLY B 69 -15.32 6.43 10.57
N VAL B 70 -14.47 5.62 10.01
CA VAL B 70 -13.27 5.12 10.62
C VAL B 70 -12.05 5.60 9.82
N GLY B 71 -10.97 5.97 10.51
CA GLY B 71 -9.71 6.35 9.85
C GLY B 71 -8.54 5.75 10.61
N GLY B 72 -7.30 5.90 10.16
CA GLY B 72 -6.19 5.49 10.94
C GLY B 72 -5.06 4.80 10.21
N LEU B 73 -4.09 4.30 10.99
CA LEU B 73 -2.86 3.71 10.53
C LEU B 73 -2.93 2.21 10.53
N TRP B 74 -2.74 1.56 9.41
CA TRP B 74 -2.90 0.11 9.31
C TRP B 74 -1.58 -0.64 9.39
N THR B 75 -0.49 0.10 9.37
CA THR B 75 0.83 -0.50 9.39
C THR B 75 1.57 0.03 10.66
N THR B 76 1.55 -0.75 11.72
CA THR B 76 2.24 -0.32 12.94
C THR B 76 3.23 -1.41 13.38
N ASP B 77 4.07 -1.03 14.35
CA ASP B 77 5.06 -2.07 14.83
C ASP B 77 4.40 -3.24 15.51
N SER B 78 3.21 -3.11 16.07
CA SER B 78 2.47 -4.18 16.78
C SER B 78 1.83 -5.16 15.86
N GLY B 79 1.59 -4.72 14.66
CA GLY B 79 0.91 -5.54 13.65
C GLY B 79 -0.58 -5.30 13.65
N GLN B 80 -1.12 -4.56 14.62
CA GLN B 80 -2.54 -4.25 14.63
C GLN B 80 -2.73 -2.77 14.23
N PRO B 81 -3.84 -2.48 13.57
CA PRO B 81 -4.07 -1.06 13.28
C PRO B 81 -4.37 -0.16 14.46
N ILE B 82 -4.08 1.12 14.33
CA ILE B 82 -4.61 2.19 15.21
C ILE B 82 -5.86 2.72 14.51
N ALA B 83 -7.00 2.11 14.75
CA ALA B 83 -8.23 2.51 14.07
C ALA B 83 -8.90 3.55 14.93
N ILE B 84 -9.38 4.62 14.30
CA ILE B 84 -10.06 5.70 15.03
C ILE B 84 -11.52 5.72 14.56
N ARG B 85 -12.45 5.47 15.49
CA ARG B 85 -13.83 5.19 15.15
C ARG B 85 -14.75 6.34 15.50
N GLY B 86 -15.28 6.99 14.46
CA GLY B 86 -16.31 7.98 14.65
C GLY B 86 -15.72 9.33 14.37
N ARG B 87 -16.55 10.19 13.85
CA ARG B 87 -16.23 11.55 13.46
C ARG B 87 -15.71 12.33 14.66
N GLU B 88 -16.30 12.23 15.85
CA GLU B 88 -15.77 12.91 17.03
C GLU B 88 -14.38 12.45 17.48
N LYS B 89 -14.16 11.13 17.51
CA LYS B 89 -12.78 10.60 17.77
C LYS B 89 -11.77 11.05 16.80
N LEU B 90 -12.13 11.08 15.50
CA LEU B 90 -11.23 11.54 14.45
C LEU B 90 -10.81 12.97 14.74
N GLY B 91 -11.78 13.79 15.15
CA GLY B 91 -11.41 15.17 15.45
C GLY B 91 -10.47 15.25 16.64
N GLU B 92 -10.67 14.42 17.68
CA GLU B 92 -9.74 14.43 18.82
C GLU B 92 -8.36 13.97 18.48
N HIS B 93 -8.28 12.95 17.61
CA HIS B 93 -7.01 12.51 17.10
C HIS B 93 -6.25 13.63 16.38
N ALA B 94 -6.97 14.50 15.67
CA ALA B 94 -6.33 15.53 14.87
C ALA B 94 -5.60 16.54 15.76
N VAL B 95 -6.07 16.74 16.99
CA VAL B 95 -5.41 17.66 17.96
C VAL B 95 -4.02 17.07 18.29
N TRP B 96 -3.97 15.77 18.57
CA TRP B 96 -2.72 15.03 18.75
C TRP B 96 -1.80 15.02 17.57
N SER B 97 -2.40 14.79 16.42
CA SER B 97 -1.60 14.74 15.18
C SER B 97 -0.90 16.08 14.91
N LEU B 98 -1.62 17.18 15.08
CA LEU B 98 -1.10 18.51 14.83
C LEU B 98 0.03 18.84 15.83
N GLN B 99 -0.09 18.38 17.09
CA GLN B 99 0.99 18.48 18.07
C GLN B 99 2.24 17.67 17.62
N CYS B 100 2.02 16.42 17.18
CA CYS B 100 3.18 15.50 16.98
C CYS B 100 3.76 15.64 15.60
N PHE B 101 2.99 16.15 14.68
CA PHE B 101 3.46 16.32 13.24
C PHE B 101 3.07 17.79 12.82
N PRO B 102 3.72 18.77 13.43
CA PRO B 102 3.19 20.12 13.42
C PRO B 102 3.22 20.83 12.03
N ASP B 103 4.01 20.38 11.08
CA ASP B 103 4.19 21.03 9.76
C ASP B 103 4.03 20.03 8.65
N TRP B 104 3.29 18.96 8.89
CA TRP B 104 3.25 17.83 7.92
C TRP B 104 2.63 18.24 6.61
N VAL B 105 3.27 17.78 5.49
CA VAL B 105 2.68 17.93 4.20
CA VAL B 105 2.74 17.99 4.14
C VAL B 105 2.81 16.65 3.38
N TRP B 106 1.75 16.41 2.62
CA TRP B 106 1.68 15.26 1.63
C TRP B 106 2.12 15.88 0.30
N THR B 107 2.95 15.11 -0.49
CA THR B 107 3.42 15.58 -1.81
C THR B 107 3.46 14.34 -2.73
N ASP B 108 3.66 14.67 -4.02
CA ASP B 108 3.73 13.60 -5.04
CA ASP B 108 3.67 13.69 -5.11
C ASP B 108 2.43 12.80 -5.01
N ILE B 109 1.28 13.47 -4.92
CA ILE B 109 0.00 12.79 -4.74
C ILE B 109 -0.48 12.23 -6.05
N GLN B 110 -0.75 10.93 -6.12
CA GLN B 110 -1.28 10.25 -7.28
CA GLN B 110 -1.39 10.36 -7.29
C GLN B 110 -2.63 9.64 -6.84
N ILE B 111 -3.76 10.10 -7.38
CA ILE B 111 -5.06 9.52 -7.07
C ILE B 111 -5.45 8.46 -8.12
N PHE B 112 -5.94 7.33 -7.61
CA PHE B 112 -6.41 6.19 -8.41
C PHE B 112 -7.87 5.97 -8.19
N GLU B 113 -8.66 6.25 -9.22
CA GLU B 113 -10.06 5.83 -9.29
C GLU B 113 -10.07 4.33 -9.49
N THR B 114 -11.13 3.67 -9.08
CA THR B 114 -11.24 2.23 -9.31
C THR B 114 -12.57 1.95 -10.02
N GLN B 115 -12.85 0.66 -10.30
CA GLN B 115 -14.11 0.25 -10.88
C GLN B 115 -15.29 0.52 -9.94
N ASP B 116 -14.97 0.76 -8.63
CA ASP B 116 -16.04 1.03 -7.65
C ASP B 116 -16.06 2.51 -7.45
N PRO B 117 -17.14 3.22 -7.79
CA PRO B 117 -17.14 4.69 -7.66
C PRO B 117 -16.94 5.19 -6.27
N ASN B 118 -17.14 4.30 -5.30
CA ASN B 118 -16.98 4.64 -3.89
C ASN B 118 -15.61 4.16 -3.26
N TRP B 119 -14.64 3.77 -4.08
CA TRP B 119 -13.40 3.27 -3.55
C TRP B 119 -12.27 3.92 -4.37
N PHE B 120 -11.36 4.59 -3.69
CA PHE B 120 -10.16 5.19 -4.30
C PHE B 120 -8.87 4.76 -3.59
N TRP B 121 -7.73 4.81 -4.24
CA TRP B 121 -6.43 4.60 -3.63
C TRP B 121 -5.60 5.88 -3.91
N VAL B 122 -4.69 6.18 -3.00
CA VAL B 122 -3.74 7.28 -3.23
C VAL B 122 -2.33 6.77 -2.92
N GLU B 123 -1.40 7.08 -3.80
CA GLU B 123 0.00 6.85 -3.48
C GLU B 123 0.64 8.25 -3.36
N CYS B 124 1.40 8.44 -2.30
CA CYS B 124 2.03 9.77 -2.06
C CYS B 124 3.25 9.59 -1.17
N ARG B 125 3.98 10.73 -1.01
CA ARG B 125 5.02 10.85 -0.01
C ARG B 125 4.51 11.79 1.11
N GLY B 126 5.13 11.74 2.22
CA GLY B 126 4.87 12.76 3.28
C GLY B 126 6.15 13.08 3.97
N GLU B 127 6.26 14.30 4.50
CA GLU B 127 7.46 14.78 5.21
C GLU B 127 7.11 15.89 6.22
N GLY B 128 7.85 15.86 7.31
CA GLY B 128 7.71 16.91 8.33
C GLY B 128 8.44 16.57 9.58
N ALA B 129 8.40 17.54 10.52
CA ALA B 129 8.93 17.25 11.85
C ALA B 129 8.14 16.23 12.53
N ILE B 130 8.81 15.40 13.33
CA ILE B 130 8.19 14.47 14.23
C ILE B 130 8.60 14.82 15.66
N VAL B 131 7.56 14.94 16.49
CA VAL B 131 7.75 15.48 17.87
C VAL B 131 6.99 14.59 18.80
N PHE B 132 7.57 13.39 19.05
CA PHE B 132 6.90 12.42 19.96
C PHE B 132 7.55 12.52 21.28
N PRO B 133 6.75 12.68 22.37
CA PRO B 133 7.32 12.67 23.65
C PRO B 133 8.11 11.40 23.97
N GLY B 134 9.33 11.60 24.47
CA GLY B 134 10.15 10.47 24.96
C GLY B 134 11.18 10.19 23.90
N TYR B 135 11.12 10.93 22.80
CA TYR B 135 12.14 10.82 21.76
C TYR B 135 12.64 12.20 21.43
N PRO B 136 13.85 12.30 20.87
CA PRO B 136 14.25 13.60 20.41
C PRO B 136 13.37 14.07 19.25
N ARG B 137 13.29 15.38 19.06
CA ARG B 137 12.65 15.90 17.83
C ARG B 137 13.41 15.42 16.61
N GLY B 138 12.66 14.97 15.59
CA GLY B 138 13.28 14.51 14.32
C GLY B 138 12.57 15.04 13.03
N GLN B 139 13.08 14.61 11.88
CA GLN B 139 12.52 14.89 10.62
C GLN B 139 12.15 13.51 10.05
N TYR B 140 10.92 13.43 9.67
CA TYR B 140 10.30 12.20 9.19
C TYR B 140 9.85 12.29 7.77
N ARG B 141 10.23 11.26 6.99
CA ARG B 141 9.85 11.11 5.62
C ARG B 141 9.37 9.69 5.47
N ASN B 142 8.29 9.51 4.71
CA ASN B 142 7.77 8.15 4.43
C ASN B 142 7.02 8.14 3.09
N HIS B 143 6.80 6.89 2.59
CA HIS B 143 6.02 6.64 1.40
CA HIS B 143 6.07 6.62 1.36
C HIS B 143 4.75 6.00 1.87
N PHE B 144 3.61 6.48 1.34
CA PHE B 144 2.28 6.08 1.83
C PHE B 144 1.38 5.60 0.72
N LEU B 145 0.51 4.64 1.07
CA LEU B 145 -0.68 4.30 0.31
C LEU B 145 -1.83 4.61 1.22
N HIS B 146 -2.88 5.26 0.69
CA HIS B 146 -4.10 5.45 1.47
C HIS B 146 -5.28 4.86 0.67
N SER B 147 -6.22 4.24 1.40
CA SER B 147 -7.43 3.66 0.87
C SER B 147 -8.57 4.56 1.34
N PHE B 148 -9.50 4.93 0.46
CA PHE B 148 -10.65 5.76 0.81
C PHE B 148 -11.96 5.05 0.28
N ARG B 149 -12.82 4.66 1.18
CA ARG B 149 -14.16 4.09 0.84
C ARG B 149 -15.22 5.13 1.30
N PHE B 150 -16.21 5.37 0.43
CA PHE B 150 -17.27 6.34 0.59
C PHE B 150 -18.66 5.71 0.80
N GLU B 151 -19.47 6.49 1.48
CA GLU B 151 -20.91 6.19 1.62
C GLU B 151 -21.61 7.51 1.63
N ASN B 152 -22.61 7.63 0.72
CA ASN B 152 -23.36 8.90 0.56
C ASN B 152 -22.48 10.13 0.43
N GLY B 153 -21.35 10.04 -0.31
CA GLY B 153 -20.49 11.17 -0.55
C GLY B 153 -19.60 11.62 0.62
N LEU B 154 -19.56 10.81 1.67
CA LEU B 154 -18.66 11.09 2.76
C LEU B 154 -17.73 9.86 2.99
N ILE B 155 -16.58 10.11 3.56
CA ILE B 155 -15.68 8.96 3.76
C ILE B 155 -16.17 8.08 4.90
N LYS B 156 -16.39 6.78 4.60
CA LYS B 156 -16.78 5.78 5.57
C LYS B 156 -15.56 5.12 6.20
N GLU B 157 -14.51 4.90 5.44
CA GLU B 157 -13.29 4.26 5.93
C GLU B 157 -12.09 4.78 5.15
N GLN B 158 -11.13 5.32 5.89
CA GLN B 158 -9.81 5.69 5.41
C GLN B 158 -8.77 4.79 6.16
N ARG B 159 -7.79 4.32 5.42
CA ARG B 159 -6.67 3.49 5.93
C ARG B 159 -5.39 3.98 5.37
N GLU B 160 -4.31 4.08 6.19
CA GLU B 160 -3.01 4.52 5.76
C GLU B 160 -2.04 3.38 5.91
N PHE B 161 -1.22 3.16 4.89
CA PHE B 161 -0.19 2.12 4.87
C PHE B 161 1.18 2.80 4.59
N MET B 162 2.17 2.55 5.47
CA MET B 162 3.49 3.08 5.27
C MET B 162 4.54 1.98 5.71
N ASN B 163 5.82 2.39 5.72
CA ASN B 163 6.94 1.50 6.22
C ASN B 163 7.25 1.92 7.64
N PRO B 164 6.85 1.18 8.66
CA PRO B 164 7.14 1.64 10.06
C PRO B 164 8.64 1.84 10.29
N CYS B 165 9.50 1.18 9.55
CA CYS B 165 10.93 1.30 9.77
C CYS B 165 11.41 2.73 9.54
N GLU B 166 10.79 3.42 8.61
CA GLU B 166 11.19 4.83 8.35
C GLU B 166 10.83 5.76 9.53
N GLN B 167 9.76 5.42 10.20
CA GLN B 167 9.35 6.11 11.42
C GLN B 167 10.35 5.79 12.53
N PHE B 168 10.74 4.50 12.65
CA PHE B 168 11.79 4.21 13.65
C PHE B 168 12.98 5.11 13.42
N ARG B 169 13.49 5.21 12.18
CA ARG B 169 14.69 6.02 11.87
C ARG B 169 14.52 7.49 12.35
N SER B 170 13.33 8.03 12.12
CA SER B 170 13.03 9.46 12.40
C SER B 170 13.12 9.65 13.90
N LEU B 171 12.83 8.65 14.69
CA LEU B 171 12.77 8.71 16.17
C LEU B 171 14.07 8.30 16.86
N GLY B 172 15.04 7.91 16.06
CA GLY B 172 16.35 7.44 16.55
C GLY B 172 16.36 6.04 17.09
N ILE B 173 15.31 5.30 16.74
CA ILE B 173 15.19 3.90 17.16
C ILE B 173 15.93 2.99 16.15
N GLU B 174 16.79 2.10 16.69
CA GLU B 174 17.54 1.21 15.83
C GLU B 174 16.62 0.33 15.04
N VAL B 175 16.84 0.26 13.74
CA VAL B 175 15.98 -0.58 12.87
C VAL B 175 16.53 -2.02 12.79
N PRO B 176 15.69 -3.01 13.13
CA PRO B 176 16.07 -4.40 13.00
C PRO B 176 16.58 -4.70 11.50
N GLU B 177 17.53 -5.59 11.32
CA GLU B 177 18.06 -5.84 9.95
C GLU B 177 17.82 -7.35 9.62
N VAL B 178 17.29 -7.68 8.43
CA VAL B 178 17.16 -9.10 8.06
C VAL B 178 18.33 -9.36 7.17
N ARG B 179 19.08 -10.43 7.43
CA ARG B 179 19.97 -10.97 6.32
C ARG B 179 19.27 -11.87 5.34
N ARG B 180 19.55 -11.65 4.05
CA ARG B 180 18.94 -12.45 3.04
C ARG B 180 20.08 -13.15 2.25
N ASP B 181 20.67 -14.14 2.93
CA ASP B 181 21.69 -14.93 2.33
C ASP B 181 21.22 -15.59 1.08
N GLY B 182 22.12 -15.50 0.10
CA GLY B 182 21.98 -16.18 -1.16
C GLY B 182 20.97 -15.48 -2.07
N LEU B 183 20.49 -14.32 -1.63
CA LEU B 183 19.51 -13.65 -2.48
C LEU B 183 20.23 -13.30 -3.79
N PRO B 184 19.72 -13.79 -4.93
CA PRO B 184 20.43 -13.44 -6.16
C PRO B 184 20.56 -11.91 -6.43
N SER B 185 21.57 -11.60 -7.24
CA SER B 185 22.14 -10.28 -7.32
C SER B 185 21.85 -9.59 -8.68
C ACT C . 4.88 -15.11 13.83
O ACT C . 4.78 -14.56 12.67
OXT ACT C . 4.92 -14.30 14.81
CH3 ACT C . 4.94 -16.61 14.05
C ACT D . 1.47 7.63 13.69
O ACT D . 2.48 7.39 14.28
OXT ACT D . 1.68 7.83 12.45
CH3 ACT D . 0.12 7.56 14.37
O1 HHA E . 6.74 -13.03 -4.76
C HHA E . 6.48 -14.04 -4.09
O2 HHA E . 5.79 -15.03 -4.44
C1 HHA E . 7.16 -14.01 -2.66
C6 HHA E . 6.75 -15.00 -1.82
C5 HHA E . 6.64 -14.76 -0.47
C4 HHA E . 6.89 -13.63 0.16
C3 HHA E . 7.30 -12.45 -0.65
O3' HHA E . 6.43 -11.39 -0.21
C2 HHA E . 6.88 -12.60 -2.12
N2 HHA E . 7.73 -11.62 -2.88
C ACT F . 11.38 -10.91 1.03
O ACT F . 10.16 -10.78 1.31
OXT ACT F . 12.18 -11.06 1.98
CH3 ACT F . 11.99 -10.81 -0.32
O1 HHA G . -3.03 12.11 9.10
C HHA G . -2.14 12.96 9.31
O2 HHA G . -2.18 14.19 9.13
C1 HHA G . -0.83 12.43 9.84
C6 HHA G . 0.25 13.25 9.86
C5 HHA G . 1.54 12.78 9.81
C4 HHA G . 1.80 11.50 9.70
C3 HHA G . 0.72 10.51 9.80
O3' HHA G . 1.13 9.39 8.94
C2 HHA G . -0.65 11.02 9.25
N2 HHA G . -1.65 10.10 9.86
#